data_7KIA
#
_entry.id   7KIA
#
_cell.length_a   105.980
_cell.length_b   117.300
_cell.length_c   63.810
_cell.angle_alpha   90.000
_cell.angle_beta   90.000
_cell.angle_gamma   90.000
#
_symmetry.space_group_name_H-M   'P 21 21 2'
#
loop_
_entity.id
_entity.type
_entity.pdbx_description
1 polymer 'Fibroblast growth factor receptor 2'
2 non-polymer 1-[4-(4-{4-(4-methylpiperazin-1-yl)-6-[(3-methyl-1H-pyrazol-5-yl)amino]pyrimidin-2-yl}phenyl)piperidin-1-yl]prop-2-en-1-one
3 non-polymer 'CITRATE ANION'
4 non-polymer 'SODIUM ION'
5 water water
#
_entity_poly.entity_id   1
_entity_poly.type   'polypeptide(L)'
_entity_poly.pdbx_seq_one_letter_code
;AGVSEYELPEDPKWEFPRDKLTLGKPLGEGCFGQVVMAEAVGIDKDKPKEAVTVAVKMLKDDATEKDLSDLVSEMEMMKM
IGKHKNIINLLGACTQDGPLYVIFEYASKGNLREYLRARRPPGMEYSYDINRVPEEQMTFKDLVSCTYQLARGMEYLASQ
KCIHRDLAARNVLVTENNVMKIADFGLARDINNIDYYKKTTNGRLPVKWMAPEALFDRVYTHQSDVWSFGVLMWEIFTLG
GSPYPGIPVEELFKLLKEGHRMDKPANCTNELYMMMRDCWHAVPSQRPTFKQLVEDLDRILTLTTNEE
;
_entity_poly.pdbx_strand_id   A,B
#
# COMPACT_ATOMS: atom_id res chain seq x y z
N GLU A 7 -24.97 7.68 3.87
CA GLU A 7 -23.58 7.15 3.74
C GLU A 7 -22.57 8.24 4.11
N LEU A 8 -22.29 9.14 3.16
CA LEU A 8 -21.53 10.35 3.42
C LEU A 8 -22.50 11.53 3.53
N PRO A 9 -22.37 12.42 4.53
CA PRO A 9 -23.29 13.55 4.68
C PRO A 9 -23.08 14.44 3.47
N GLU A 10 -24.17 14.84 2.82
CA GLU A 10 -24.06 15.68 1.63
C GLU A 10 -23.46 17.03 2.04
N ASP A 11 -22.62 17.56 1.14
CA ASP A 11 -21.98 18.85 1.28
C ASP A 11 -22.13 19.57 -0.06
N PRO A 12 -23.27 20.26 -0.30
CA PRO A 12 -23.61 20.83 -1.60
C PRO A 12 -22.53 21.73 -2.22
N LYS A 13 -21.87 22.50 -1.37
CA LYS A 13 -20.79 23.42 -1.73
C LYS A 13 -19.77 22.76 -2.66
N TRP A 14 -19.50 21.47 -2.44
CA TRP A 14 -18.40 20.80 -3.12
C TRP A 14 -18.90 19.74 -4.11
N GLU A 15 -20.18 19.36 -4.00
CA GLU A 15 -20.70 18.25 -4.79
C GLU A 15 -20.59 18.57 -6.28
N PHE A 16 -20.36 17.53 -7.08
CA PHE A 16 -20.27 17.67 -8.53
C PHE A 16 -21.08 16.58 -9.23
N PRO A 17 -21.96 16.92 -10.21
CA PRO A 17 -22.83 15.93 -10.85
C PRO A 17 -22.02 14.87 -11.57
N ARG A 18 -22.36 13.59 -11.33
CA ARG A 18 -21.66 12.47 -11.95
C ARG A 18 -21.85 12.48 -13.46
N ASP A 19 -23.01 12.96 -13.93
CA ASP A 19 -23.30 12.99 -15.37
C ASP A 19 -22.36 13.94 -16.11
N LYS A 20 -21.66 14.80 -15.36
CA LYS A 20 -20.81 15.84 -15.93
C LYS A 20 -19.33 15.41 -15.97
N LEU A 21 -19.04 14.21 -15.46
CA LEU A 21 -17.67 13.71 -15.33
C LEU A 21 -17.46 12.52 -16.24
N THR A 22 -16.44 12.57 -17.10
CA THR A 22 -16.10 11.45 -17.96
C THR A 22 -14.71 10.94 -17.63
N LEU A 23 -14.64 9.79 -16.93
CA LEU A 23 -13.38 9.15 -16.57
C LEU A 23 -12.63 8.77 -17.84
N GLY A 24 -11.28 8.88 -17.77
CA GLY A 24 -10.36 8.56 -18.86
C GLY A 24 -9.23 7.63 -18.40
N LYS A 25 -8.05 7.78 -19.01
CA LYS A 25 -6.92 6.88 -18.77
C LYS A 25 -6.39 7.03 -17.35
N PRO A 26 -5.87 5.92 -16.74
CA PRO A 26 -5.36 5.97 -15.38
C PRO A 26 -4.00 6.67 -15.34
N LEU A 27 -3.71 7.31 -14.21
CA LEU A 27 -2.46 8.03 -14.04
C LEU A 27 -1.49 7.21 -13.18
N GLY A 28 -2.04 6.47 -12.20
CA GLY A 28 -1.28 5.51 -11.42
C GLY A 28 -2.03 5.09 -10.17
N GLU A 29 -1.33 4.37 -9.29
CA GLU A 29 -1.92 3.73 -8.10
C GLU A 29 -0.90 3.67 -6.95
N GLY A 30 -1.39 3.90 -5.72
CA GLY A 30 -0.62 3.70 -4.51
C GLY A 30 -1.41 3.96 -3.22
N CYS A 31 -0.91 3.41 -2.10
CA CYS A 31 -1.52 3.58 -0.78
C CYS A 31 -2.99 3.19 -0.86
N PHE A 32 -3.88 4.15 -0.56
CA PHE A 32 -5.31 3.91 -0.35
C PHE A 32 -6.14 4.19 -1.60
N GLY A 33 -5.50 4.44 -2.76
CA GLY A 33 -6.29 4.88 -3.90
C GLY A 33 -5.69 4.61 -5.28
N GLN A 34 -6.37 5.19 -6.27
CA GLN A 34 -6.02 5.19 -7.68
C GLN A 34 -6.33 6.59 -8.19
N VAL A 35 -5.62 7.05 -9.23
CA VAL A 35 -5.84 8.37 -9.81
C VAL A 35 -5.98 8.21 -11.32
N VAL A 36 -7.09 8.73 -11.86
CA VAL A 36 -7.37 8.66 -13.28
C VAL A 36 -7.55 10.07 -13.82
N MET A 37 -7.14 10.29 -15.08
CA MET A 37 -7.43 11.53 -15.79
C MET A 37 -8.91 11.54 -16.15
N ALA A 38 -9.51 12.73 -16.27
CA ALA A 38 -10.95 12.88 -16.50
C ALA A 38 -11.29 14.24 -17.09
N GLU A 39 -12.49 14.33 -17.69
CA GLU A 39 -13.05 15.57 -18.22
C GLU A 39 -14.27 15.94 -17.39
N ALA A 40 -14.26 17.17 -16.85
CA ALA A 40 -15.35 17.68 -16.03
C ALA A 40 -15.95 18.92 -16.69
N VAL A 41 -17.23 18.83 -17.03
CA VAL A 41 -17.93 19.91 -17.73
C VAL A 41 -18.53 20.86 -16.70
N GLY A 42 -18.09 22.13 -16.74
CA GLY A 42 -18.63 23.19 -15.91
C GLY A 42 -18.11 23.18 -14.47
N ILE A 43 -16.96 22.53 -14.23
CA ILE A 43 -16.39 22.50 -12.88
C ILE A 43 -15.86 23.88 -12.48
N ASP A 44 -15.38 24.66 -13.45
CA ASP A 44 -15.22 26.09 -13.27
C ASP A 44 -16.57 26.76 -13.52
N LYS A 45 -17.19 27.24 -12.44
CA LYS A 45 -18.59 27.66 -12.44
C LYS A 45 -18.81 28.89 -13.32
N ASP A 46 -17.73 29.64 -13.59
CA ASP A 46 -17.80 30.83 -14.43
C ASP A 46 -17.85 30.44 -15.91
N LYS A 47 -17.65 29.16 -16.21
CA LYS A 47 -17.66 28.70 -17.60
C LYS A 47 -18.41 27.37 -17.68
N PRO A 48 -19.76 27.38 -17.45
CA PRO A 48 -20.52 26.15 -17.18
C PRO A 48 -20.63 25.13 -18.31
N LYS A 49 -20.11 25.48 -19.50
CA LYS A 49 -20.17 24.61 -20.67
C LYS A 49 -18.76 24.20 -21.11
N GLU A 50 -17.74 24.64 -20.36
CA GLU A 50 -16.36 24.29 -20.61
C GLU A 50 -16.03 22.98 -19.89
N ALA A 51 -15.37 22.07 -20.61
CA ALA A 51 -14.77 20.88 -20.04
C ALA A 51 -13.33 21.20 -19.64
N VAL A 52 -12.96 20.80 -18.40
CA VAL A 52 -11.62 20.96 -17.87
C VAL A 52 -11.03 19.57 -17.66
N THR A 53 -9.75 19.38 -18.05
CA THR A 53 -9.05 18.17 -17.67
C THR A 53 -8.73 18.22 -16.17
N VAL A 54 -9.12 17.16 -15.46
CA VAL A 54 -8.99 17.05 -14.01
C VAL A 54 -8.35 15.71 -13.68
N ALA A 55 -8.01 15.52 -12.40
CA ALA A 55 -7.54 14.24 -11.89
C ALA A 55 -8.53 13.75 -10.85
N VAL A 56 -8.93 12.47 -10.96
CA VAL A 56 -9.91 11.89 -10.06
C VAL A 56 -9.24 10.78 -9.26
N LYS A 57 -9.33 10.93 -7.93
CA LYS A 57 -8.84 9.99 -6.95
C LYS A 57 -10.03 9.20 -6.44
N MET A 58 -9.92 7.86 -6.47
CA MET A 58 -10.99 6.95 -6.13
C MET A 58 -10.37 5.66 -5.57
N LEU A 59 -11.22 4.81 -4.98
CA LEU A 59 -10.74 3.56 -4.40
C LEU A 59 -10.38 2.57 -5.50
N LYS A 60 -9.45 1.66 -5.18
CA LYS A 60 -9.16 0.52 -6.03
C LYS A 60 -10.11 -0.62 -5.65
N ASP A 61 -10.19 -1.64 -6.51
CA ASP A 61 -11.09 -2.76 -6.36
C ASP A 61 -10.83 -3.54 -5.06
N ASP A 62 -9.57 -3.58 -4.62
CA ASP A 62 -9.18 -4.32 -3.43
C ASP A 62 -9.08 -3.40 -2.21
N ALA A 63 -9.85 -2.30 -2.24
CA ALA A 63 -9.90 -1.31 -1.18
C ALA A 63 -10.36 -1.94 0.14
N THR A 64 -9.81 -1.41 1.24
CA THR A 64 -10.18 -1.78 2.61
C THR A 64 -11.03 -0.65 3.20
N GLU A 65 -11.62 -0.89 4.37
CA GLU A 65 -12.41 0.10 5.09
C GLU A 65 -11.54 1.31 5.41
N LYS A 66 -10.29 1.05 5.83
CA LYS A 66 -9.31 2.06 6.12
C LYS A 66 -8.95 2.90 4.88
N ASP A 67 -8.95 2.29 3.70
CA ASP A 67 -8.63 3.03 2.48
C ASP A 67 -9.70 4.09 2.24
N LEU A 68 -10.97 3.71 2.48
CA LEU A 68 -12.09 4.62 2.30
C LEU A 68 -11.96 5.77 3.28
N SER A 69 -11.69 5.45 4.55
CA SER A 69 -11.46 6.40 5.65
C SER A 69 -10.40 7.44 5.30
N ASP A 70 -9.28 6.97 4.74
CA ASP A 70 -8.17 7.79 4.31
C ASP A 70 -8.58 8.72 3.17
N LEU A 71 -9.35 8.20 2.20
CA LEU A 71 -9.74 9.00 1.05
C LEU A 71 -10.73 10.09 1.49
N VAL A 72 -11.64 9.75 2.39
CA VAL A 72 -12.57 10.71 2.99
C VAL A 72 -11.79 11.76 3.76
N SER A 73 -10.84 11.32 4.59
CA SER A 73 -10.03 12.19 5.42
C SER A 73 -9.27 13.19 4.57
N GLU A 74 -8.71 12.74 3.44
CA GLU A 74 -7.98 13.61 2.54
C GLU A 74 -8.89 14.69 1.94
N MET A 75 -10.05 14.26 1.42
CA MET A 75 -11.02 15.18 0.85
C MET A 75 -11.41 16.25 1.87
N GLU A 76 -11.71 15.83 3.11
CA GLU A 76 -12.17 16.75 4.14
C GLU A 76 -11.08 17.75 4.51
N MET A 77 -9.83 17.30 4.47
CA MET A 77 -8.67 18.10 4.82
C MET A 77 -8.46 19.19 3.75
N MET A 78 -8.58 18.81 2.47
CA MET A 78 -8.43 19.75 1.36
C MET A 78 -9.46 20.88 1.50
N LYS A 79 -10.63 20.56 2.08
CA LYS A 79 -11.67 21.54 2.30
C LYS A 79 -11.24 22.57 3.36
N MET A 80 -10.62 22.11 4.44
CA MET A 80 -10.27 22.88 5.62
CA MET A 80 -10.33 22.95 5.59
C MET A 80 -9.10 23.83 5.33
N ILE A 81 -8.35 23.52 4.26
CA ILE A 81 -7.05 24.13 4.03
C ILE A 81 -7.17 25.45 3.27
N GLY A 82 -8.12 25.54 2.35
CA GLY A 82 -8.20 26.70 1.48
C GLY A 82 -7.20 26.60 0.34
N LYS A 83 -7.15 27.63 -0.53
CA LYS A 83 -6.43 27.55 -1.79
C LYS A 83 -5.05 28.19 -1.68
N HIS A 84 -4.12 27.70 -2.51
CA HIS A 84 -2.78 28.24 -2.60
C HIS A 84 -2.10 27.66 -3.85
N LYS A 85 -1.26 28.50 -4.48
CA LYS A 85 -0.62 28.25 -5.76
C LYS A 85 0.22 26.98 -5.70
N ASN A 86 0.77 26.64 -4.52
CA ASN A 86 1.71 25.53 -4.45
C ASN A 86 1.12 24.35 -3.68
N ILE A 87 -0.21 24.26 -3.71
CA ILE A 87 -0.94 23.14 -3.17
C ILE A 87 -1.95 22.70 -4.23
N ILE A 88 -2.05 21.38 -4.45
CA ILE A 88 -2.95 20.81 -5.42
C ILE A 88 -4.40 21.14 -5.04
N ASN A 89 -5.11 21.80 -5.96
CA ASN A 89 -6.41 22.38 -5.72
C ASN A 89 -7.49 21.28 -5.75
N LEU A 90 -8.28 21.18 -4.68
CA LEU A 90 -9.54 20.44 -4.70
C LEU A 90 -10.57 21.22 -5.52
N LEU A 91 -11.18 20.56 -6.52
CA LEU A 91 -12.15 21.18 -7.40
C LEU A 91 -13.58 20.75 -7.06
N GLY A 92 -13.77 19.51 -6.58
CA GLY A 92 -15.08 19.01 -6.19
C GLY A 92 -15.06 17.52 -5.88
N ALA A 93 -16.23 16.95 -5.56
CA ALA A 93 -16.34 15.54 -5.23
C ALA A 93 -17.71 14.98 -5.62
N CYS A 94 -17.74 13.72 -6.06
CA CYS A 94 -18.96 12.95 -6.19
C CYS A 94 -19.07 12.00 -4.99
N THR A 95 -19.95 12.36 -4.04
CA THR A 95 -20.01 11.71 -2.74
C THR A 95 -21.35 10.99 -2.52
N GLN A 96 -22.26 11.06 -3.50
CA GLN A 96 -23.62 10.59 -3.34
C GLN A 96 -23.98 9.62 -4.46
N ASP A 97 -24.72 8.56 -4.09
CA ASP A 97 -25.34 7.65 -5.04
C ASP A 97 -24.30 7.04 -5.99
N GLY A 98 -23.19 6.56 -5.41
CA GLY A 98 -22.17 5.87 -6.18
C GLY A 98 -20.79 5.93 -5.54
N PRO A 99 -19.72 5.53 -6.26
CA PRO A 99 -18.38 5.51 -5.69
C PRO A 99 -17.89 6.92 -5.39
N LEU A 100 -17.03 7.05 -4.36
CA LEU A 100 -16.41 8.30 -3.97
C LEU A 100 -15.36 8.69 -5.00
N TYR A 101 -15.60 9.83 -5.65
CA TYR A 101 -14.66 10.48 -6.56
C TYR A 101 -14.25 11.81 -5.93
N VAL A 102 -12.94 11.98 -5.73
CA VAL A 102 -12.38 13.24 -5.26
C VAL A 102 -11.62 13.85 -6.44
N ILE A 103 -12.07 15.05 -6.86
CA ILE A 103 -11.68 15.70 -8.10
C ILE A 103 -10.69 16.82 -7.76
N PHE A 104 -9.49 16.72 -8.36
CA PHE A 104 -8.37 17.62 -8.12
C PHE A 104 -8.01 18.30 -9.44
N GLU A 105 -7.29 19.42 -9.33
CA GLU A 105 -6.63 20.02 -10.49
C GLU A 105 -5.58 19.03 -11.01
N TYR A 106 -5.35 19.08 -12.32
CA TYR A 106 -4.52 18.12 -13.02
C TYR A 106 -3.12 18.69 -13.22
N ALA A 107 -2.11 17.95 -12.73
CA ALA A 107 -0.71 18.26 -12.97
C ALA A 107 -0.16 17.22 -13.92
N SER A 108 0.26 17.68 -15.11
CA SER A 108 0.52 16.79 -16.23
C SER A 108 1.81 15.99 -16.05
N LYS A 109 2.81 16.60 -15.37
CA LYS A 109 4.16 16.05 -15.40
C LYS A 109 4.41 15.05 -14.27
N GLY A 110 3.37 14.74 -13.48
CA GLY A 110 3.49 13.72 -12.45
C GLY A 110 4.36 14.19 -11.29
N ASN A 111 4.88 13.24 -10.49
CA ASN A 111 5.49 13.53 -9.21
C ASN A 111 6.91 14.05 -9.41
N LEU A 112 7.42 14.81 -8.44
CA LEU A 112 8.67 15.53 -8.56
C LEU A 112 9.86 14.56 -8.59
N ARG A 113 9.76 13.42 -7.88
CA ARG A 113 10.89 12.49 -7.84
C ARG A 113 11.22 11.98 -9.23
N GLU A 114 10.19 11.52 -9.98
CA GLU A 114 10.39 10.99 -11.32
C GLU A 114 10.79 12.13 -12.25
N TYR A 115 10.19 13.31 -12.05
CA TYR A 115 10.49 14.51 -12.83
C TYR A 115 11.98 14.82 -12.80
N LEU A 116 12.55 14.85 -11.58
CA LEU A 116 13.97 15.16 -11.41
C LEU A 116 14.83 14.04 -11.99
N ARG A 117 14.44 12.77 -11.79
CA ARG A 117 15.23 11.65 -12.27
C ARG A 117 15.34 11.66 -13.79
N ALA A 118 14.28 12.11 -14.48
CA ALA A 118 14.22 12.15 -15.92
C ALA A 118 15.07 13.29 -16.48
N ARG A 119 15.51 14.21 -15.62
CA ARG A 119 16.27 15.38 -16.04
C ARG A 119 17.71 15.30 -15.54
N ARG A 120 18.13 14.10 -15.14
CA ARG A 120 19.54 13.85 -14.85
C ARG A 120 20.33 13.81 -16.16
N PRO A 121 21.55 14.39 -16.21
CA PRO A 121 22.39 14.36 -17.42
C PRO A 121 22.81 12.92 -17.75
N PRO A 122 23.21 12.64 -19.02
CA PRO A 122 23.63 11.30 -19.43
C PRO A 122 24.67 10.59 -18.53
N GLY A 123 25.64 11.36 -18.02
CA GLY A 123 26.65 10.83 -17.11
C GLY A 123 26.05 10.54 -15.73
N GLU A 135 13.00 15.96 -20.10
CA GLU A 135 14.05 15.48 -21.06
C GLU A 135 15.10 16.53 -21.42
N GLU A 136 15.16 17.61 -20.65
CA GLU A 136 16.19 18.65 -20.70
C GLU A 136 16.83 18.75 -19.32
N GLN A 137 17.55 19.85 -19.03
CA GLN A 137 18.34 19.91 -17.81
C GLN A 137 17.81 20.97 -16.84
N MET A 138 17.89 20.68 -15.54
CA MET A 138 17.57 21.61 -14.46
C MET A 138 18.78 22.52 -14.24
N THR A 139 18.55 23.84 -14.17
CA THR A 139 19.57 24.75 -13.69
C THR A 139 19.48 24.84 -12.17
N PHE A 140 20.55 25.37 -11.56
CA PHE A 140 20.57 25.65 -10.14
C PHE A 140 19.36 26.51 -9.77
N LYS A 141 19.14 27.58 -10.53
CA LYS A 141 18.04 28.50 -10.28
C LYS A 141 16.70 27.75 -10.25
N ASP A 142 16.54 26.73 -11.11
CA ASP A 142 15.33 25.92 -11.17
C ASP A 142 15.15 25.16 -9.85
N LEU A 143 16.21 24.50 -9.39
CA LEU A 143 16.20 23.74 -8.14
C LEU A 143 15.84 24.65 -6.96
N VAL A 144 16.38 25.87 -6.93
CA VAL A 144 16.12 26.78 -5.84
C VAL A 144 14.68 27.28 -5.93
N SER A 145 14.21 27.53 -7.16
CA SER A 145 12.83 27.94 -7.41
C SER A 145 11.84 26.89 -6.89
N CYS A 146 12.08 25.62 -7.27
CA CYS A 146 11.29 24.50 -6.83
CA CYS A 146 11.28 24.50 -6.83
C CYS A 146 11.20 24.49 -5.31
N THR A 147 12.37 24.63 -4.66
CA THR A 147 12.49 24.61 -3.22
C THR A 147 11.66 25.74 -2.60
N TYR A 148 11.76 26.94 -3.20
CA TYR A 148 11.09 28.13 -2.71
C TYR A 148 9.56 27.96 -2.79
N GLN A 149 9.08 27.44 -3.93
CA GLN A 149 7.65 27.23 -4.11
C GLN A 149 7.13 26.30 -3.02
N LEU A 150 7.88 25.25 -2.73
CA LEU A 150 7.42 24.24 -1.78
C LEU A 150 7.47 24.80 -0.36
N ALA A 151 8.44 25.67 -0.07
CA ALA A 151 8.50 26.33 1.22
C ALA A 151 7.28 27.23 1.41
N ARG A 152 6.86 27.92 0.35
CA ARG A 152 5.72 28.83 0.44
C ARG A 152 4.44 28.05 0.65
N GLY A 153 4.27 26.95 -0.10
CA GLY A 153 3.17 26.05 0.14
C GLY A 153 3.12 25.59 1.60
N MET A 154 4.28 25.22 2.17
CA MET A 154 4.33 24.66 3.51
C MET A 154 4.08 25.75 4.55
N GLU A 155 4.57 26.97 4.28
CA GLU A 155 4.28 28.11 5.16
C GLU A 155 2.77 28.32 5.23
N TYR A 156 2.10 28.31 4.07
CA TYR A 156 0.67 28.54 4.02
C TYR A 156 -0.06 27.44 4.79
N LEU A 157 0.33 26.18 4.55
CA LEU A 157 -0.22 25.04 5.25
C LEU A 157 -0.12 25.25 6.77
N ALA A 158 1.08 25.60 7.24
CA ALA A 158 1.32 25.76 8.66
C ALA A 158 0.37 26.80 9.24
N SER A 159 0.11 27.87 8.48
CA SER A 159 -0.73 28.97 8.92
C SER A 159 -2.19 28.52 9.04
N GLN A 160 -2.59 27.50 8.27
CA GLN A 160 -3.93 26.93 8.34
C GLN A 160 -4.05 25.81 9.38
N LYS A 161 -3.04 25.67 10.27
CA LYS A 161 -3.06 24.70 11.36
C LYS A 161 -2.95 23.25 10.87
N CYS A 162 -2.46 23.06 9.63
CA CYS A 162 -2.30 21.72 9.07
C CYS A 162 -0.84 21.25 9.14
N ILE A 163 -0.65 20.02 9.66
CA ILE A 163 0.57 19.25 9.53
C ILE A 163 0.36 18.18 8.46
N HIS A 164 1.29 18.09 7.51
CA HIS A 164 1.15 17.25 6.33
C HIS A 164 1.54 15.80 6.66
N ARG A 165 2.69 15.65 7.32
CA ARG A 165 3.23 14.42 7.90
C ARG A 165 3.79 13.45 6.86
N ASP A 166 3.66 13.76 5.56
CA ASP A 166 4.17 12.84 4.54
C ASP A 166 4.78 13.65 3.39
N LEU A 167 5.63 14.62 3.75
CA LEU A 167 6.31 15.45 2.79
C LEU A 167 7.47 14.67 2.20
N ALA A 168 7.61 14.74 0.86
CA ALA A 168 8.58 13.93 0.12
C ALA A 168 8.39 14.21 -1.37
N ALA A 169 9.47 14.05 -2.14
CA ALA A 169 9.44 14.35 -3.57
C ALA A 169 8.31 13.60 -4.28
N ARG A 170 8.00 12.38 -3.83
CA ARG A 170 7.00 11.56 -4.49
C ARG A 170 5.58 12.10 -4.25
N ASN A 171 5.43 13.01 -3.27
CA ASN A 171 4.14 13.55 -2.91
C ASN A 171 4.01 15.00 -3.37
N VAL A 172 4.89 15.41 -4.29
CA VAL A 172 4.79 16.69 -4.98
C VAL A 172 4.50 16.42 -6.45
N LEU A 173 3.52 17.16 -7.01
CA LEU A 173 3.15 17.07 -8.40
C LEU A 173 3.64 18.32 -9.12
N VAL A 174 3.97 18.16 -10.41
CA VAL A 174 4.50 19.23 -11.24
C VAL A 174 3.51 19.47 -12.39
N THR A 175 3.09 20.73 -12.57
CA THR A 175 2.11 21.07 -13.61
C THR A 175 2.82 21.19 -14.96
N GLU A 176 2.02 21.44 -16.01
CA GLU A 176 2.48 21.65 -17.37
C GLU A 176 3.50 22.78 -17.44
N ASN A 177 3.32 23.81 -16.60
CA ASN A 177 4.17 24.99 -16.53
C ASN A 177 5.20 24.89 -15.42
N ASN A 178 5.49 23.67 -14.96
CA ASN A 178 6.53 23.41 -13.98
C ASN A 178 6.23 24.09 -12.64
N VAL A 179 4.93 24.26 -12.32
CA VAL A 179 4.59 24.75 -10.99
C VAL A 179 4.52 23.56 -10.04
N MET A 180 5.14 23.72 -8.85
CA MET A 180 5.20 22.71 -7.81
C MET A 180 3.93 22.78 -6.97
N LYS A 181 3.30 21.62 -6.74
CA LYS A 181 2.05 21.50 -5.99
C LYS A 181 2.20 20.38 -4.97
N ILE A 182 2.12 20.72 -3.68
CA ILE A 182 2.12 19.71 -2.62
C ILE A 182 0.81 18.94 -2.75
N ALA A 183 0.92 17.60 -2.68
CA ALA A 183 -0.21 16.71 -2.86
C ALA A 183 -0.23 15.65 -1.75
N ASP A 184 -1.13 14.68 -1.91
CA ASP A 184 -1.24 13.46 -1.10
C ASP A 184 -1.42 13.79 0.38
N PHE A 185 -2.63 14.22 0.75
CA PHE A 185 -2.93 14.72 2.08
C PHE A 185 -3.62 13.64 2.93
N GLY A 186 -3.48 12.38 2.50
CA GLY A 186 -4.02 11.22 3.20
C GLY A 186 -3.63 11.16 4.68
N LEU A 187 -2.42 11.61 5.02
CA LEU A 187 -1.94 11.48 6.38
C LEU A 187 -2.06 12.81 7.15
N ALA A 188 -2.46 13.88 6.44
CA ALA A 188 -2.48 15.24 6.98
C ALA A 188 -3.51 15.37 8.10
N ARG A 189 -3.19 16.21 9.09
CA ARG A 189 -4.02 16.40 10.28
C ARG A 189 -4.08 17.88 10.65
N ASP A 190 -5.19 18.30 11.25
CA ASP A 190 -5.19 19.50 12.07
C ASP A 190 -4.23 19.25 13.23
N ILE A 191 -3.42 20.28 13.56
CA ILE A 191 -2.36 20.21 14.57
C ILE A 191 -2.89 19.72 15.91
N ASN A 192 -4.20 19.93 16.19
CA ASN A 192 -4.80 19.56 17.46
C ASN A 192 -5.30 18.12 17.46
N ASN A 193 -5.28 17.47 16.28
CA ASN A 193 -5.90 16.16 16.14
C ASN A 193 -4.82 15.10 15.94
N ILE A 194 -3.86 15.05 16.88
CA ILE A 194 -2.89 13.98 17.02
C ILE A 194 -3.14 13.32 18.38
N ASP A 195 -3.03 11.98 18.43
CA ASP A 195 -3.15 11.22 19.67
C ASP A 195 -1.81 11.14 20.39
N TYR A 196 -1.46 12.22 21.11
CA TYR A 196 -0.13 12.38 21.67
C TYR A 196 0.23 11.23 22.60
N TYR A 197 1.44 10.67 22.38
CA TYR A 197 2.09 9.78 23.33
C TYR A 197 1.53 8.35 23.24
N LYS A 198 0.55 8.14 22.37
CA LYS A 198 0.00 6.81 22.18
C LYS A 198 0.89 6.07 21.19
N LYS A 199 1.17 4.79 21.49
CA LYS A 199 2.19 4.00 20.82
C LYS A 199 1.86 3.80 19.34
N THR A 200 0.58 3.90 18.97
CA THR A 200 0.18 3.70 17.58
C THR A 200 0.31 5.00 16.77
N THR A 201 0.71 6.11 17.40
CA THR A 201 0.73 7.42 16.74
C THR A 201 1.94 7.52 15.81
N ASN A 202 1.69 7.95 14.55
CA ASN A 202 2.68 8.20 13.52
C ASN A 202 3.23 6.90 12.91
N GLY A 203 2.52 5.78 13.10
CA GLY A 203 2.97 4.46 12.67
C GLY A 203 2.98 4.27 11.15
N ARG A 204 2.40 5.22 10.42
CA ARG A 204 2.27 5.08 8.97
C ARG A 204 3.05 6.16 8.22
N LEU A 205 4.03 6.79 8.88
CA LEU A 205 4.88 7.77 8.22
C LEU A 205 6.15 7.07 7.71
N PRO A 206 6.56 7.26 6.44
CA PRO A 206 7.82 6.71 5.94
C PRO A 206 9.02 7.21 6.74
N VAL A 207 9.79 6.25 7.26
CA VAL A 207 10.78 6.45 8.32
C VAL A 207 11.88 7.41 7.87
N LYS A 208 12.30 7.35 6.60
CA LYS A 208 13.45 8.10 6.12
C LYS A 208 13.16 9.60 5.96
N TRP A 209 11.87 10.00 6.03
CA TRP A 209 11.49 11.41 5.94
C TRP A 209 10.99 11.96 7.27
N MET A 210 11.06 11.15 8.33
CA MET A 210 10.32 11.40 9.56
C MET A 210 11.25 11.98 10.64
N ALA A 211 10.78 13.04 11.31
CA ALA A 211 11.47 13.62 12.45
C ALA A 211 11.60 12.58 13.57
N PRO A 212 12.76 12.50 14.27
CA PRO A 212 12.93 11.53 15.36
C PRO A 212 11.86 11.54 16.46
N GLU A 213 11.42 12.76 16.84
CA GLU A 213 10.46 12.94 17.91
C GLU A 213 9.10 12.34 17.55
N ALA A 214 8.80 12.20 16.25
CA ALA A 214 7.56 11.60 15.82
C ALA A 214 7.51 10.13 16.22
N LEU A 215 8.69 9.48 16.26
CA LEU A 215 8.77 8.09 16.67
C LEU A 215 9.01 7.99 18.19
N PHE A 216 10.01 8.71 18.69
CA PHE A 216 10.43 8.53 20.07
C PHE A 216 9.41 9.10 21.05
N ASP A 217 8.63 10.12 20.63
CA ASP A 217 7.76 10.82 21.55
C ASP A 217 6.28 10.70 21.15
N ARG A 218 6.01 10.19 19.94
CA ARG A 218 4.67 10.08 19.38
C ARG A 218 3.96 11.44 19.43
N VAL A 219 4.64 12.48 18.93
CA VAL A 219 4.05 13.80 18.74
C VAL A 219 4.31 14.21 17.29
N TYR A 220 3.64 15.28 16.83
CA TYR A 220 3.92 15.84 15.52
C TYR A 220 3.54 17.31 15.49
N THR A 221 4.54 18.18 15.29
CA THR A 221 4.32 19.62 15.27
C THR A 221 4.74 20.13 13.89
N HIS A 222 4.61 21.43 13.64
CA HIS A 222 5.08 22.01 12.38
C HIS A 222 6.58 21.75 12.24
N GLN A 223 7.29 21.71 13.36
CA GLN A 223 8.75 21.55 13.34
C GLN A 223 9.12 20.15 12.87
N SER A 224 8.16 19.21 12.96
CA SER A 224 8.36 17.87 12.44
C SER A 224 8.29 17.89 10.92
N ASP A 225 7.36 18.68 10.36
CA ASP A 225 7.28 18.90 8.92
C ASP A 225 8.55 19.56 8.37
N VAL A 226 9.16 20.43 9.18
CA VAL A 226 10.37 21.14 8.75
C VAL A 226 11.50 20.14 8.53
N TRP A 227 11.62 19.16 9.46
CA TRP A 227 12.56 18.06 9.30
C TRP A 227 12.36 17.40 7.93
N SER A 228 11.12 17.01 7.63
CA SER A 228 10.77 16.35 6.38
C SER A 228 11.19 17.23 5.20
N PHE A 229 10.96 18.54 5.32
CA PHE A 229 11.30 19.49 4.27
C PHE A 229 12.80 19.48 3.99
N GLY A 230 13.60 19.31 5.04
CA GLY A 230 15.03 19.12 4.88
C GLY A 230 15.35 17.95 3.96
N VAL A 231 14.70 16.80 4.21
CA VAL A 231 14.89 15.61 3.40
C VAL A 231 14.46 15.88 1.95
N LEU A 232 13.30 16.54 1.78
CA LEU A 232 12.82 16.92 0.47
C LEU A 232 13.85 17.81 -0.24
N MET A 233 14.46 18.75 0.49
CA MET A 233 15.48 19.61 -0.08
C MET A 233 16.62 18.78 -0.65
N TRP A 234 17.01 17.74 0.10
CA TRP A 234 18.10 16.87 -0.30
C TRP A 234 17.74 16.11 -1.58
N GLU A 235 16.48 15.67 -1.67
CA GLU A 235 15.97 14.96 -2.84
C GLU A 235 16.07 15.87 -4.06
N ILE A 236 15.66 17.13 -3.89
CA ILE A 236 15.65 18.10 -4.97
C ILE A 236 17.07 18.26 -5.52
N PHE A 237 18.03 18.50 -4.62
CA PHE A 237 19.40 18.86 -5.02
C PHE A 237 20.22 17.66 -5.49
N THR A 238 19.76 16.43 -5.22
CA THR A 238 20.40 15.23 -5.76
C THR A 238 19.62 14.71 -6.97
N LEU A 239 18.64 15.49 -7.45
CA LEU A 239 17.82 15.19 -8.61
C LEU A 239 17.11 13.84 -8.43
N GLY A 240 16.46 13.69 -7.28
CA GLY A 240 15.59 12.53 -7.02
C GLY A 240 16.34 11.37 -6.38
N GLY A 241 17.49 11.65 -5.74
CA GLY A 241 18.23 10.64 -5.00
C GLY A 241 17.40 10.07 -3.85
N SER A 242 17.74 8.86 -3.42
CA SER A 242 17.04 8.18 -2.35
C SER A 242 17.73 8.51 -1.04
N PRO A 243 16.99 9.00 -0.01
CA PRO A 243 17.62 9.45 1.24
C PRO A 243 18.42 8.31 1.88
N TYR A 244 19.51 8.68 2.56
CA TYR A 244 20.37 7.75 3.28
C TYR A 244 20.71 6.55 2.42
N PRO A 245 21.41 6.75 1.28
CA PRO A 245 21.65 5.66 0.32
C PRO A 245 22.42 4.54 1.01
N GLY A 246 21.90 3.31 0.87
CA GLY A 246 22.57 2.12 1.38
C GLY A 246 22.41 1.90 2.88
N ILE A 247 21.69 2.80 3.56
CA ILE A 247 21.36 2.59 4.96
C ILE A 247 19.95 2.01 5.07
N PRO A 248 19.80 0.77 5.59
CA PRO A 248 18.48 0.17 5.77
C PRO A 248 17.66 0.98 6.78
N VAL A 249 16.35 1.03 6.54
CA VAL A 249 15.39 1.67 7.43
C VAL A 249 15.57 1.16 8.86
N GLU A 250 15.92 -0.12 9.02
CA GLU A 250 15.97 -0.75 10.33
C GLU A 250 17.10 -0.16 11.18
N GLU A 251 18.08 0.51 10.55
CA GLU A 251 19.26 0.98 11.27
C GLU A 251 19.28 2.51 11.40
N LEU A 252 18.30 3.20 10.80
CA LEU A 252 18.37 4.65 10.65
C LEU A 252 18.34 5.35 12.00
N PHE A 253 17.43 4.93 12.88
CA PHE A 253 17.06 5.75 14.02
C PHE A 253 18.18 5.73 15.07
N LYS A 254 18.93 4.64 15.12
CA LYS A 254 20.13 4.58 15.94
C LYS A 254 21.16 5.56 15.41
N LEU A 255 21.35 5.61 14.08
CA LEU A 255 22.34 6.49 13.49
C LEU A 255 21.96 7.96 13.72
N LEU A 256 20.66 8.27 13.65
CA LEU A 256 20.17 9.63 13.84
C LEU A 256 20.35 10.09 15.28
N LYS A 257 20.08 9.21 16.26
CA LYS A 257 20.31 9.53 17.67
C LYS A 257 21.78 9.90 17.91
N GLU A 258 22.69 9.25 17.17
CA GLU A 258 24.12 9.46 17.33
C GLU A 258 24.57 10.68 16.54
N GLY A 259 23.64 11.38 15.88
CA GLY A 259 23.94 12.65 15.24
C GLY A 259 24.35 12.53 13.76
N HIS A 260 24.29 11.32 13.17
CA HIS A 260 24.54 11.12 11.75
CA HIS A 260 24.59 11.19 11.77
C HIS A 260 23.49 11.87 10.94
N ARG A 261 23.92 12.49 9.84
CA ARG A 261 23.08 13.22 8.92
C ARG A 261 23.67 13.01 7.52
N MET A 262 22.82 13.15 6.49
CA MET A 262 23.27 12.98 5.11
C MET A 262 24.27 14.05 4.76
N ASP A 263 25.27 13.68 3.94
CA ASP A 263 26.32 14.55 3.43
C ASP A 263 25.75 15.52 2.40
N LYS A 264 26.54 16.53 2.07
CA LYS A 264 26.18 17.59 1.14
C LYS A 264 26.10 17.05 -0.28
N PRO A 265 24.95 17.24 -0.99
CA PRO A 265 24.88 16.99 -2.43
C PRO A 265 25.84 17.89 -3.23
N ALA A 266 26.27 17.40 -4.41
CA ALA A 266 27.31 18.03 -5.19
C ALA A 266 26.88 19.40 -5.74
N ASN A 267 25.71 19.47 -6.39
CA ASN A 267 25.31 20.68 -7.09
C ASN A 267 24.42 21.54 -6.20
N CYS A 268 24.94 21.83 -5.01
CA CYS A 268 24.25 22.47 -3.92
C CYS A 268 25.27 23.40 -3.27
N THR A 269 24.85 24.58 -2.80
CA THR A 269 25.79 25.48 -2.16
C THR A 269 25.96 25.09 -0.70
N ASN A 270 27.05 25.54 -0.06
CA ASN A 270 27.27 25.38 1.37
C ASN A 270 26.06 25.91 2.15
N GLU A 271 25.59 27.08 1.72
CA GLU A 271 24.47 27.78 2.35
C GLU A 271 23.21 26.91 2.36
N LEU A 272 22.89 26.30 1.21
CA LEU A 272 21.67 25.51 1.13
C LEU A 272 21.81 24.23 1.95
N TYR A 273 23.03 23.65 2.00
CA TYR A 273 23.28 22.49 2.82
C TYR A 273 23.12 22.83 4.31
N MET A 274 23.57 24.02 4.70
CA MET A 274 23.45 24.43 6.10
C MET A 274 21.99 24.59 6.48
N MET A 275 21.16 24.99 5.51
CA MET A 275 19.72 25.09 5.70
C MET A 275 19.09 23.70 5.91
N MET A 276 19.50 22.72 5.10
CA MET A 276 19.10 21.33 5.30
C MET A 276 19.45 20.90 6.73
N ARG A 277 20.71 21.12 7.14
CA ARG A 277 21.20 20.67 8.44
C ARG A 277 20.43 21.36 9.56
N ASP A 278 20.01 22.60 9.31
CA ASP A 278 19.15 23.34 10.22
C ASP A 278 17.79 22.65 10.37
N CYS A 279 17.21 22.19 9.26
CA CYS A 279 15.93 21.48 9.32
C CYS A 279 16.07 20.18 10.11
N TRP A 280 17.29 19.60 10.14
CA TRP A 280 17.59 18.33 10.80
C TRP A 280 18.20 18.54 12.19
N HIS A 281 17.99 19.72 12.80
CA HIS A 281 18.42 19.91 14.17
C HIS A 281 17.75 18.88 15.06
N ALA A 282 18.52 18.30 15.98
CA ALA A 282 17.97 17.33 16.92
C ALA A 282 16.79 17.93 17.68
N VAL A 283 16.97 19.17 18.17
CA VAL A 283 16.00 19.84 19.03
C VAL A 283 14.92 20.48 18.15
N PRO A 284 13.65 20.03 18.19
CA PRO A 284 12.65 20.56 17.25
C PRO A 284 12.56 22.08 17.26
N SER A 285 12.62 22.67 18.46
CA SER A 285 12.51 24.11 18.61
C SER A 285 13.71 24.85 18.02
N GLN A 286 14.81 24.12 17.73
CA GLN A 286 16.02 24.73 17.17
C GLN A 286 16.00 24.68 15.64
N ARG A 287 14.93 24.14 15.05
CA ARG A 287 14.82 24.12 13.60
C ARG A 287 14.21 25.44 13.13
N PRO A 288 14.46 25.88 11.88
CA PRO A 288 13.80 27.10 11.40
C PRO A 288 12.30 26.82 11.25
N THR A 289 11.48 27.89 11.24
CA THR A 289 10.08 27.83 10.86
C THR A 289 9.98 27.91 9.35
N PHE A 290 8.80 27.61 8.78
CA PHE A 290 8.60 27.70 7.34
C PHE A 290 8.74 29.15 6.88
N LYS A 291 8.31 30.08 7.74
CA LYS A 291 8.37 31.51 7.46
C LYS A 291 9.82 31.94 7.27
N GLN A 292 10.71 31.46 8.15
CA GLN A 292 12.13 31.74 8.04
C GLN A 292 12.72 31.10 6.79
N LEU A 293 12.25 29.89 6.45
CA LEU A 293 12.75 29.18 5.28
C LEU A 293 12.38 29.97 4.01
N VAL A 294 11.13 30.42 3.93
CA VAL A 294 10.64 31.21 2.81
C VAL A 294 11.52 32.45 2.62
N GLU A 295 11.78 33.19 3.71
CA GLU A 295 12.53 34.43 3.64
C GLU A 295 13.95 34.19 3.14
N ASP A 296 14.62 33.17 3.70
CA ASP A 296 15.99 32.82 3.32
C ASP A 296 16.05 32.38 1.85
N LEU A 297 15.07 31.57 1.44
CA LEU A 297 15.06 31.08 0.07
C LEU A 297 14.76 32.21 -0.90
N ASP A 298 13.89 33.14 -0.48
CA ASP A 298 13.58 34.33 -1.27
C ASP A 298 14.87 35.11 -1.55
N ARG A 299 15.64 35.39 -0.49
CA ARG A 299 16.91 36.10 -0.58
C ARG A 299 17.87 35.40 -1.55
N ILE A 300 17.98 34.07 -1.45
CA ILE A 300 18.94 33.31 -2.24
C ILE A 300 18.50 33.28 -3.70
N LEU A 301 17.20 33.09 -3.93
CA LEU A 301 16.64 33.02 -5.28
C LEU A 301 16.82 34.36 -6.00
N THR A 302 16.53 35.47 -5.30
CA THR A 302 16.72 36.83 -5.79
C THR A 302 18.15 37.03 -6.27
N LEU A 303 19.13 36.61 -5.46
CA LEU A 303 20.55 36.81 -5.73
C LEU A 303 21.00 36.02 -6.97
N THR A 304 20.53 34.77 -7.12
CA THR A 304 20.87 33.95 -8.27
C THR A 304 20.17 34.50 -9.52
N GLU B 7 15.66 -3.55 17.00
CA GLU B 7 16.35 -4.71 17.64
C GLU B 7 15.40 -5.91 17.72
N LEU B 8 15.72 -6.95 16.93
CA LEU B 8 14.89 -8.15 16.83
C LEU B 8 15.53 -9.27 17.67
N PRO B 9 14.75 -9.96 18.55
CA PRO B 9 15.30 -11.02 19.37
C PRO B 9 15.71 -12.24 18.55
N GLU B 10 17.02 -12.53 18.55
CA GLU B 10 17.63 -13.65 17.82
C GLU B 10 16.80 -14.93 18.00
N ASP B 11 16.67 -15.69 16.92
CA ASP B 11 16.02 -17.00 16.93
C ASP B 11 16.92 -17.97 16.16
N PRO B 12 17.81 -18.70 16.88
CA PRO B 12 18.81 -19.57 16.25
C PRO B 12 18.32 -20.50 15.15
N LYS B 13 17.22 -21.22 15.43
CA LYS B 13 16.59 -22.14 14.49
C LYS B 13 16.54 -21.55 13.09
N TRP B 14 16.01 -20.33 12.99
CA TRP B 14 15.57 -19.78 11.72
C TRP B 14 16.64 -18.89 11.09
N GLU B 15 17.64 -18.50 11.89
CA GLU B 15 18.62 -17.53 11.42
C GLU B 15 19.42 -18.11 10.27
N PHE B 16 19.66 -17.29 9.26
CA PHE B 16 20.46 -17.68 8.10
C PHE B 16 21.56 -16.65 7.88
N PRO B 17 22.83 -17.07 7.69
CA PRO B 17 23.95 -16.14 7.54
C PRO B 17 23.92 -15.30 6.27
N ARG B 18 24.11 -13.98 6.41
CA ARG B 18 23.97 -13.04 5.31
C ARG B 18 24.97 -13.31 4.19
N ASP B 19 26.07 -13.99 4.53
CA ASP B 19 27.16 -14.21 3.59
C ASP B 19 26.81 -15.30 2.57
N LYS B 20 25.73 -16.06 2.83
CA LYS B 20 25.35 -17.17 1.98
C LYS B 20 24.20 -16.78 1.03
N LEU B 21 23.67 -15.57 1.20
CA LEU B 21 22.51 -15.11 0.45
C LEU B 21 22.95 -14.07 -0.58
N THR B 22 22.68 -14.36 -1.86
CA THR B 22 23.01 -13.47 -2.96
C THR B 22 21.73 -13.00 -3.63
N LEU B 23 21.37 -11.73 -3.38
CA LEU B 23 20.14 -11.14 -3.89
C LEU B 23 20.20 -11.02 -5.41
N GLY B 24 19.03 -11.09 -6.07
CA GLY B 24 18.96 -11.09 -7.52
C GLY B 24 17.82 -10.22 -8.05
N LYS B 25 17.22 -10.68 -9.16
CA LYS B 25 16.16 -9.98 -9.87
C LYS B 25 15.00 -9.69 -8.92
N PRO B 26 14.42 -8.46 -8.95
CA PRO B 26 13.17 -8.19 -8.25
C PRO B 26 12.02 -8.98 -8.90
N LEU B 27 11.08 -9.43 -8.06
CA LEU B 27 9.88 -10.13 -8.51
C LEU B 27 8.66 -9.21 -8.46
N GLY B 28 8.59 -8.37 -7.40
CA GLY B 28 7.56 -7.34 -7.30
C GLY B 28 7.49 -6.71 -5.92
N GLU B 29 6.48 -5.84 -5.75
CA GLU B 29 6.22 -5.16 -4.48
C GLU B 29 4.72 -4.92 -4.34
N GLY B 30 4.26 -4.87 -3.08
CA GLY B 30 2.97 -4.34 -2.68
C GLY B 30 2.93 -4.22 -1.15
N CYS B 31 1.85 -3.65 -0.61
CA CYS B 31 1.64 -3.58 0.83
C CYS B 31 2.93 -3.09 1.52
N PHE B 32 3.38 -3.85 2.52
CA PHE B 32 4.44 -3.44 3.44
C PHE B 32 5.83 -3.91 3.01
N GLY B 33 6.07 -4.15 1.70
CA GLY B 33 7.34 -4.80 1.33
C GLY B 33 7.64 -4.93 -0.16
N GLN B 34 8.67 -5.73 -0.45
CA GLN B 34 9.08 -6.08 -1.81
C GLN B 34 9.69 -7.49 -1.76
N VAL B 35 9.73 -8.15 -2.93
CA VAL B 35 10.16 -9.53 -3.00
C VAL B 35 11.21 -9.66 -4.11
N VAL B 36 12.36 -10.26 -3.76
CA VAL B 36 13.46 -10.46 -4.71
C VAL B 36 13.86 -11.94 -4.71
N MET B 37 14.15 -12.44 -5.92
CA MET B 37 14.84 -13.71 -6.14
C MET B 37 16.22 -13.63 -5.51
N ALA B 38 16.67 -14.76 -4.97
CA ALA B 38 17.98 -14.88 -4.33
C ALA B 38 18.49 -16.31 -4.46
N GLU B 39 19.79 -16.49 -4.18
CA GLU B 39 20.44 -17.79 -4.05
C GLU B 39 20.99 -17.94 -2.63
N ALA B 40 20.47 -18.93 -1.91
CA ALA B 40 20.89 -19.22 -0.54
C ALA B 40 21.64 -20.55 -0.52
N VAL B 41 22.95 -20.46 -0.23
CA VAL B 41 23.84 -21.60 -0.15
C VAL B 41 23.63 -22.34 1.17
N GLY B 42 23.08 -23.55 1.08
CA GLY B 42 22.99 -24.51 2.18
C GLY B 42 21.86 -24.23 3.17
N ILE B 43 20.70 -23.75 2.69
CA ILE B 43 19.62 -23.36 3.59
C ILE B 43 18.91 -24.60 4.14
N ASP B 44 18.79 -25.64 3.31
CA ASP B 44 18.52 -26.98 3.79
C ASP B 44 19.84 -27.54 4.33
N LYS B 45 19.81 -27.99 5.58
CA LYS B 45 21.02 -28.32 6.32
C LYS B 45 21.72 -29.53 5.70
N ASP B 46 21.00 -30.24 4.80
CA ASP B 46 21.36 -31.49 4.12
C ASP B 46 22.32 -31.45 2.92
N LYS B 47 22.09 -30.57 1.93
CA LYS B 47 22.97 -30.37 0.80
C LYS B 47 23.72 -29.07 1.07
N PRO B 48 24.61 -29.04 2.09
CA PRO B 48 24.96 -27.80 2.78
C PRO B 48 25.97 -26.97 1.99
N LYS B 49 26.34 -27.45 0.80
CA LYS B 49 27.17 -26.72 -0.13
C LYS B 49 26.37 -26.41 -1.40
N GLU B 50 25.05 -26.63 -1.35
CA GLU B 50 24.19 -26.47 -2.53
C GLU B 50 23.37 -25.18 -2.44
N ALA B 51 23.42 -24.42 -3.55
CA ALA B 51 22.65 -23.19 -3.73
C ALA B 51 21.26 -23.52 -4.26
N VAL B 52 20.24 -23.02 -3.56
CA VAL B 52 18.84 -23.18 -3.90
C VAL B 52 18.23 -21.80 -4.13
N THR B 53 17.49 -21.65 -5.23
CA THR B 53 16.76 -20.43 -5.52
C THR B 53 15.69 -20.22 -4.44
N VAL B 54 15.61 -19.00 -3.92
CA VAL B 54 14.66 -18.64 -2.87
C VAL B 54 14.02 -17.30 -3.23
N ALA B 55 13.02 -16.89 -2.44
CA ALA B 55 12.41 -15.58 -2.58
C ALA B 55 12.62 -14.83 -1.27
N VAL B 56 13.04 -13.56 -1.37
CA VAL B 56 13.30 -12.75 -0.19
C VAL B 56 12.33 -11.57 -0.13
N LYS B 57 11.61 -11.50 0.99
CA LYS B 57 10.74 -10.40 1.35
C LYS B 57 11.49 -9.49 2.31
N MET B 58 11.48 -8.18 2.01
CA MET B 58 12.20 -7.13 2.72
C MET B 58 11.41 -5.83 2.57
N LEU B 59 11.81 -4.78 3.30
CA LEU B 59 11.17 -3.48 3.22
C LEU B 59 11.64 -2.72 1.97
N LYS B 60 10.83 -1.76 1.53
CA LYS B 60 11.23 -0.80 0.50
C LYS B 60 11.85 0.40 1.21
N ASP B 61 12.40 1.34 0.42
CA ASP B 61 13.08 2.52 0.92
CA ASP B 61 13.09 2.50 0.96
C ASP B 61 12.11 3.43 1.67
N ASP B 62 10.83 3.43 1.26
CA ASP B 62 9.83 4.33 1.83
C ASP B 62 9.00 3.65 2.92
N ALA B 63 9.55 2.59 3.53
CA ALA B 63 8.89 1.80 4.55
C ALA B 63 8.50 2.64 5.77
N THR B 64 7.36 2.28 6.37
CA THR B 64 6.84 2.88 7.59
C THR B 64 7.15 1.94 8.76
N GLU B 65 6.92 2.40 10.00
CA GLU B 65 7.04 1.58 11.19
C GLU B 65 6.06 0.40 11.14
N LYS B 66 4.84 0.67 10.66
CA LYS B 66 3.79 -0.34 10.55
C LYS B 66 4.22 -1.46 9.61
N ASP B 67 4.84 -1.05 8.48
CA ASP B 67 5.30 -1.96 7.45
C ASP B 67 6.29 -2.97 8.05
N LEU B 68 7.19 -2.47 8.92
CA LEU B 68 8.19 -3.33 9.52
C LEU B 68 7.51 -4.33 10.47
N SER B 69 6.55 -3.86 11.27
CA SER B 69 5.88 -4.73 12.23
C SER B 69 4.97 -5.74 11.53
N ASP B 70 4.50 -5.41 10.30
CA ASP B 70 3.70 -6.32 9.50
C ASP B 70 4.57 -7.45 8.96
N LEU B 71 5.79 -7.13 8.52
CA LEU B 71 6.71 -8.13 7.97
C LEU B 71 7.19 -9.09 9.06
N VAL B 72 7.52 -8.54 10.25
CA VAL B 72 7.89 -9.32 11.43
C VAL B 72 6.74 -10.25 11.81
N SER B 73 5.52 -9.70 11.89
CA SER B 73 4.31 -10.46 12.17
C SER B 73 4.17 -11.64 11.21
N GLU B 74 4.36 -11.40 9.90
CA GLU B 74 4.25 -12.44 8.90
C GLU B 74 5.25 -13.56 9.18
N MET B 75 6.50 -13.17 9.46
CA MET B 75 7.58 -14.09 9.76
C MET B 75 7.25 -14.95 10.98
N GLU B 76 6.69 -14.32 12.02
CA GLU B 76 6.36 -15.02 13.25
C GLU B 76 5.16 -15.93 13.01
N MET B 77 4.27 -15.53 12.10
CA MET B 77 3.13 -16.38 11.78
C MET B 77 3.64 -17.65 11.13
N MET B 78 4.53 -17.51 10.15
CA MET B 78 5.03 -18.63 9.39
C MET B 78 5.72 -19.68 10.29
N LYS B 79 6.37 -19.22 11.37
CA LYS B 79 7.03 -20.10 12.31
C LYS B 79 6.03 -21.00 13.05
N MET B 80 4.83 -20.47 13.35
CA MET B 80 3.82 -21.19 14.12
C MET B 80 3.08 -22.24 13.27
N ILE B 81 3.05 -22.03 11.94
CA ILE B 81 2.10 -22.73 11.09
C ILE B 81 2.54 -24.18 10.88
N GLY B 82 3.83 -24.37 10.65
CA GLY B 82 4.33 -25.68 10.26
C GLY B 82 4.31 -25.81 8.74
N LYS B 83 4.73 -26.97 8.25
CA LYS B 83 4.98 -27.18 6.82
C LYS B 83 3.76 -27.84 6.19
N HIS B 84 3.39 -27.36 4.99
CA HIS B 84 2.31 -27.97 4.22
C HIS B 84 2.52 -27.72 2.72
N LYS B 85 2.08 -28.71 1.94
CA LYS B 85 2.17 -28.70 0.49
C LYS B 85 1.64 -27.39 -0.09
N ASN B 86 0.54 -26.88 0.49
CA ASN B 86 -0.24 -25.82 -0.13
C ASN B 86 -0.05 -24.49 0.59
N ILE B 87 1.09 -24.36 1.27
CA ILE B 87 1.45 -23.12 1.95
C ILE B 87 2.89 -22.81 1.57
N ILE B 88 3.15 -21.57 1.15
CA ILE B 88 4.50 -21.12 0.87
C ILE B 88 5.32 -21.24 2.17
N ASN B 89 6.42 -22.02 2.15
CA ASN B 89 7.07 -22.34 3.41
C ASN B 89 8.21 -21.36 3.73
N LEU B 90 8.28 -20.93 4.98
CA LEU B 90 9.40 -20.16 5.51
C LEU B 90 10.63 -21.06 5.55
N LEU B 91 11.72 -20.62 4.90
CA LEU B 91 13.00 -21.33 4.90
C LEU B 91 13.93 -20.78 5.98
N GLY B 92 13.92 -19.45 6.16
CA GLY B 92 14.76 -18.81 7.16
C GLY B 92 14.71 -17.27 7.07
N ALA B 93 15.62 -16.61 7.80
CA ALA B 93 15.58 -15.17 8.01
C ALA B 93 16.94 -14.62 8.43
N CYS B 94 17.29 -13.44 7.90
CA CYS B 94 18.38 -12.60 8.39
C CYS B 94 17.77 -11.42 9.13
N THR B 95 17.88 -11.47 10.46
CA THR B 95 17.20 -10.56 11.37
C THR B 95 18.22 -9.71 12.15
N GLN B 96 19.52 -10.01 11.98
CA GLN B 96 20.58 -9.48 12.84
C GLN B 96 21.57 -8.68 12.00
N ASP B 97 22.04 -7.56 12.58
CA ASP B 97 23.09 -6.70 12.02
C ASP B 97 22.82 -6.39 10.55
N GLY B 98 21.63 -5.87 10.26
CA GLY B 98 21.29 -5.46 8.91
C GLY B 98 19.80 -5.52 8.63
N PRO B 99 19.37 -5.31 7.36
CA PRO B 99 17.94 -5.29 7.02
C PRO B 99 17.27 -6.64 7.30
N LEU B 100 15.97 -6.62 7.59
CA LEU B 100 15.20 -7.83 7.77
C LEU B 100 14.95 -8.46 6.40
N TYR B 101 15.47 -9.68 6.23
CA TYR B 101 15.22 -10.52 5.08
C TYR B 101 14.44 -11.75 5.56
N VAL B 102 13.22 -11.93 5.00
CA VAL B 102 12.41 -13.11 5.29
C VAL B 102 12.48 -14.00 4.05
N ILE B 103 13.04 -15.21 4.23
CA ILE B 103 13.40 -16.13 3.14
C ILE B 103 12.36 -17.24 3.04
N PHE B 104 11.77 -17.36 1.83
CA PHE B 104 10.69 -18.28 1.52
C PHE B 104 11.10 -19.18 0.36
N GLU B 105 10.47 -20.36 0.27
CA GLU B 105 10.58 -21.13 -0.95
C GLU B 105 10.13 -20.27 -2.12
N TYR B 106 10.69 -20.55 -3.31
CA TYR B 106 10.46 -19.77 -4.52
C TYR B 106 9.36 -20.41 -5.34
N ALA B 107 8.38 -19.60 -5.76
CA ALA B 107 7.32 -20.05 -6.64
C ALA B 107 7.49 -19.31 -7.96
N SER B 108 7.85 -20.07 -9.01
CA SER B 108 8.37 -19.52 -10.25
C SER B 108 7.31 -18.84 -11.12
N LYS B 109 6.04 -19.21 -10.94
CA LYS B 109 5.02 -18.72 -11.87
C LYS B 109 4.22 -17.54 -11.28
N GLY B 110 4.61 -17.07 -10.09
CA GLY B 110 3.98 -15.89 -9.49
C GLY B 110 2.54 -16.15 -9.04
N ASN B 111 1.76 -15.07 -8.96
CA ASN B 111 0.47 -15.07 -8.28
C ASN B 111 -0.61 -15.68 -9.18
N LEU B 112 -1.66 -16.23 -8.55
CA LEU B 112 -2.66 -17.02 -9.24
C LEU B 112 -3.52 -16.13 -10.15
N ARG B 113 -3.80 -14.89 -9.72
CA ARG B 113 -4.62 -13.99 -10.54
C ARG B 113 -3.97 -13.79 -11.90
N GLU B 114 -2.66 -13.49 -11.91
CA GLU B 114 -1.90 -13.25 -13.11
C GLU B 114 -1.75 -14.54 -13.93
N TYR B 115 -1.54 -15.67 -13.24
CA TYR B 115 -1.35 -16.98 -13.84
C TYR B 115 -2.58 -17.35 -14.67
N LEU B 116 -3.77 -17.10 -14.12
CA LEU B 116 -5.04 -17.42 -14.75
C LEU B 116 -5.35 -16.47 -15.90
N ARG B 117 -5.15 -15.16 -15.69
CA ARG B 117 -5.37 -14.17 -16.73
C ARG B 117 -4.54 -14.50 -17.97
N ALA B 118 -3.29 -14.94 -17.75
CA ALA B 118 -2.34 -15.25 -18.81
C ALA B 118 -2.72 -16.53 -19.56
N ARG B 119 -3.79 -17.20 -19.13
CA ARG B 119 -4.17 -18.49 -19.69
C ARG B 119 -5.61 -18.48 -20.16
N ARG B 120 -6.19 -17.28 -20.24
CA ARG B 120 -7.48 -17.05 -20.88
C ARG B 120 -7.39 -17.46 -22.35
N PRO B 121 -8.47 -18.02 -22.94
CA PRO B 121 -8.48 -18.37 -24.36
C PRO B 121 -8.52 -17.13 -25.26
N PRO B 122 -7.89 -17.18 -26.46
CA PRO B 122 -7.87 -16.03 -27.38
C PRO B 122 -9.27 -15.56 -27.79
N GLU B 136 -1.23 -21.78 -23.02
CA GLU B 136 -1.40 -23.09 -22.33
C GLU B 136 -2.60 -23.01 -21.40
N GLN B 137 -3.78 -22.95 -22.03
CA GLN B 137 -5.11 -22.78 -21.46
C GLN B 137 -5.40 -23.76 -20.32
N MET B 138 -6.29 -23.34 -19.41
CA MET B 138 -6.70 -24.17 -18.28
C MET B 138 -7.83 -25.11 -18.73
N THR B 139 -7.70 -26.39 -18.37
CA THR B 139 -8.79 -27.34 -18.48
C THR B 139 -9.69 -27.19 -17.24
N PHE B 140 -10.95 -27.63 -17.34
CA PHE B 140 -11.87 -27.69 -16.22
C PHE B 140 -11.24 -28.42 -15.03
N LYS B 141 -10.64 -29.59 -15.29
CA LYS B 141 -9.96 -30.37 -14.27
C LYS B 141 -8.87 -29.53 -13.58
N ASP B 142 -8.15 -28.71 -14.35
CA ASP B 142 -7.10 -27.84 -13.84
C ASP B 142 -7.66 -26.84 -12.83
N LEU B 143 -8.86 -26.32 -13.10
CA LEU B 143 -9.48 -25.32 -12.23
C LEU B 143 -9.98 -26.00 -10.96
N VAL B 144 -10.55 -27.21 -11.09
CA VAL B 144 -11.07 -27.93 -9.94
C VAL B 144 -9.90 -28.32 -9.05
N SER B 145 -8.82 -28.76 -9.69
CA SER B 145 -7.64 -29.25 -8.98
C SER B 145 -7.03 -28.10 -8.17
N CYS B 146 -6.98 -26.92 -8.80
CA CYS B 146 -6.50 -25.69 -8.20
C CYS B 146 -7.29 -25.36 -6.92
N THR B 147 -8.61 -25.38 -7.03
CA THR B 147 -9.54 -25.12 -5.94
C THR B 147 -9.37 -26.17 -4.84
N TYR B 148 -9.33 -27.45 -5.24
CA TYR B 148 -9.12 -28.53 -4.29
C TYR B 148 -7.86 -28.30 -3.46
N GLN B 149 -6.77 -27.89 -4.13
CA GLN B 149 -5.48 -27.73 -3.47
C GLN B 149 -5.57 -26.63 -2.42
N LEU B 150 -6.31 -25.57 -2.75
CA LEU B 150 -6.41 -24.40 -1.89
C LEU B 150 -7.29 -24.69 -0.69
N ALA B 151 -8.32 -25.53 -0.88
CA ALA B 151 -9.14 -26.02 0.22
C ALA B 151 -8.30 -26.84 1.21
N ARG B 152 -7.40 -27.69 0.69
CA ARG B 152 -6.53 -28.49 1.54
C ARG B 152 -5.63 -27.58 2.38
N GLY B 153 -5.08 -26.53 1.75
CA GLY B 153 -4.25 -25.56 2.45
C GLY B 153 -4.98 -24.89 3.61
N MET B 154 -6.23 -24.48 3.34
CA MET B 154 -7.05 -23.76 4.30
C MET B 154 -7.52 -24.73 5.40
N GLU B 155 -7.83 -25.97 5.02
CA GLU B 155 -8.14 -27.01 6.00
C GLU B 155 -6.98 -27.16 6.97
N TYR B 156 -5.74 -27.19 6.43
CA TYR B 156 -4.58 -27.30 7.29
C TYR B 156 -4.47 -26.06 8.19
N LEU B 157 -4.61 -24.85 7.61
CA LEU B 157 -4.46 -23.61 8.36
C LEU B 157 -5.45 -23.56 9.52
N ALA B 158 -6.72 -23.88 9.24
CA ALA B 158 -7.80 -23.89 10.22
C ALA B 158 -7.48 -24.85 11.38
N SER B 159 -6.91 -26.01 11.05
CA SER B 159 -6.47 -26.97 12.06
C SER B 159 -5.32 -26.42 12.90
N GLN B 160 -4.57 -25.44 12.38
CA GLN B 160 -3.48 -24.87 13.15
C GLN B 160 -3.92 -23.59 13.90
N LYS B 161 -5.24 -23.36 14.01
CA LYS B 161 -5.80 -22.22 14.75
C LYS B 161 -5.41 -20.88 14.10
N CYS B 162 -5.20 -20.88 12.80
CA CYS B 162 -4.80 -19.68 12.06
C CYS B 162 -5.95 -19.23 11.17
N ILE B 163 -6.26 -17.94 11.24
CA ILE B 163 -7.14 -17.27 10.29
C ILE B 163 -6.27 -16.39 9.39
N HIS B 164 -6.46 -16.52 8.08
CA HIS B 164 -5.61 -15.84 7.10
C HIS B 164 -6.06 -14.39 6.90
N ARG B 165 -7.37 -14.22 6.68
CA ARG B 165 -8.05 -12.92 6.66
C ARG B 165 -7.89 -12.19 5.32
N ASP B 166 -7.03 -12.71 4.43
CA ASP B 166 -6.74 -11.99 3.20
C ASP B 166 -6.63 -12.98 2.04
N LEU B 167 -7.55 -13.96 2.03
CA LEU B 167 -7.60 -14.98 1.00
C LEU B 167 -8.10 -14.35 -0.29
N ALA B 168 -7.33 -14.52 -1.37
CA ALA B 168 -7.60 -13.91 -2.67
C ALA B 168 -6.60 -14.44 -3.67
N ALA B 169 -6.97 -14.43 -4.96
CA ALA B 169 -6.12 -15.07 -5.96
C ALA B 169 -4.74 -14.41 -6.02
N ARG B 170 -4.68 -13.10 -5.73
CA ARG B 170 -3.44 -12.34 -5.74
C ARG B 170 -2.50 -12.80 -4.61
N ASN B 171 -3.04 -13.47 -3.59
CA ASN B 171 -2.26 -13.90 -2.45
C ASN B 171 -1.97 -15.41 -2.51
N VAL B 172 -2.09 -16.00 -3.70
CA VAL B 172 -1.73 -17.39 -3.96
C VAL B 172 -0.63 -17.38 -5.00
N LEU B 173 0.42 -18.19 -4.77
CA LEU B 173 1.55 -18.38 -5.66
C LEU B 173 1.51 -19.77 -6.28
N VAL B 174 2.06 -19.89 -7.51
CA VAL B 174 2.05 -21.13 -8.28
C VAL B 174 3.50 -21.53 -8.55
N THR B 175 3.87 -22.78 -8.21
CA THR B 175 5.22 -23.28 -8.46
C THR B 175 5.38 -23.78 -9.89
N GLU B 176 6.61 -24.17 -10.23
CA GLU B 176 6.96 -24.71 -11.55
C GLU B 176 5.98 -25.81 -11.95
N ASN B 177 5.60 -26.66 -10.99
CA ASN B 177 4.79 -27.84 -11.27
C ASN B 177 3.31 -27.61 -10.97
N ASN B 178 2.91 -26.34 -10.83
CA ASN B 178 1.52 -25.94 -10.61
C ASN B 178 1.00 -26.38 -9.24
N VAL B 179 1.87 -26.40 -8.23
CA VAL B 179 1.40 -26.52 -6.86
C VAL B 179 0.93 -25.13 -6.41
N MET B 180 -0.29 -25.06 -5.87
CA MET B 180 -0.88 -23.84 -5.33
C MET B 180 -0.37 -23.64 -3.90
N LYS B 181 0.17 -22.44 -3.62
CA LYS B 181 0.73 -22.11 -2.31
C LYS B 181 0.08 -20.84 -1.76
N ILE B 182 -0.65 -20.97 -0.65
CA ILE B 182 -1.20 -19.80 0.04
C ILE B 182 -0.03 -18.98 0.59
N ALA B 183 -0.04 -17.67 0.32
CA ALA B 183 1.04 -16.77 0.71
C ALA B 183 0.46 -15.52 1.36
N ASP B 184 1.34 -14.58 1.72
CA ASP B 184 0.96 -13.25 2.16
C ASP B 184 0.18 -13.33 3.48
N PHE B 185 0.87 -13.73 4.54
CA PHE B 185 0.28 -13.91 5.85
C PHE B 185 0.48 -12.64 6.70
N GLY B 186 0.65 -11.50 6.02
CA GLY B 186 0.79 -10.22 6.71
C GLY B 186 -0.37 -9.92 7.66
N LEU B 187 -1.59 -10.32 7.28
CA LEU B 187 -2.79 -10.01 8.05
C LEU B 187 -3.28 -11.21 8.87
N ALA B 188 -2.65 -12.39 8.71
CA ALA B 188 -3.07 -13.61 9.37
C ALA B 188 -2.84 -13.49 10.89
N ARG B 189 -3.73 -14.13 11.66
CA ARG B 189 -3.69 -14.11 13.12
C ARG B 189 -4.00 -15.49 13.66
N ASP B 190 -3.41 -15.80 14.81
CA ASP B 190 -3.92 -16.84 15.69
C ASP B 190 -5.37 -16.48 16.04
N ILE B 191 -6.21 -17.51 16.17
CA ILE B 191 -7.64 -17.36 16.41
C ILE B 191 -7.91 -16.51 17.66
N ASN B 192 -7.00 -16.56 18.65
CA ASN B 192 -7.20 -15.87 19.91
C ASN B 192 -6.75 -14.41 19.86
N ASN B 193 -6.06 -14.04 18.78
CA ASN B 193 -5.44 -12.73 18.65
C ASN B 193 -6.27 -11.87 17.69
N ILE B 194 -7.57 -11.77 17.98
CA ILE B 194 -8.46 -10.84 17.32
C ILE B 194 -9.27 -10.17 18.43
N ASP B 195 -9.36 -8.84 18.38
CA ASP B 195 -10.12 -8.05 19.33
C ASP B 195 -11.58 -7.90 18.91
N TYR B 196 -12.44 -8.80 19.43
CA TYR B 196 -13.84 -8.82 19.02
C TYR B 196 -14.54 -7.52 19.41
N TYR B 197 -15.44 -7.07 18.53
CA TYR B 197 -16.43 -6.04 18.79
C TYR B 197 -15.81 -4.63 18.76
N LYS B 198 -14.50 -4.54 18.51
CA LYS B 198 -13.79 -3.26 18.48
C LYS B 198 -13.91 -2.63 17.10
N LYS B 199 -14.14 -1.31 17.11
CA LYS B 199 -14.45 -0.53 15.92
C LYS B 199 -13.27 -0.59 14.95
N THR B 200 -12.08 -0.86 15.49
CA THR B 200 -10.84 -0.86 14.74
C THR B 200 -10.55 -2.22 14.10
N THR B 201 -11.17 -3.30 14.60
CA THR B 201 -10.89 -4.66 14.14
C THR B 201 -11.34 -4.86 12.69
N ASN B 202 -10.49 -5.49 11.87
CA ASN B 202 -10.74 -5.92 10.48
C ASN B 202 -10.81 -4.76 9.50
N GLY B 203 -10.23 -3.62 9.88
CA GLY B 203 -10.28 -2.38 9.11
C GLY B 203 -9.38 -2.40 7.88
N ARG B 204 -8.46 -3.37 7.80
CA ARG B 204 -7.50 -3.42 6.71
C ARG B 204 -7.74 -4.65 5.81
N LEU B 205 -8.95 -5.21 5.82
CA LEU B 205 -9.25 -6.37 4.98
C LEU B 205 -9.93 -5.92 3.68
N PRO B 206 -9.45 -6.37 2.49
CA PRO B 206 -10.14 -6.06 1.23
C PRO B 206 -11.63 -6.40 1.29
N VAL B 207 -12.44 -5.36 1.14
CA VAL B 207 -13.88 -5.40 1.39
C VAL B 207 -14.56 -6.46 0.50
N LYS B 208 -14.17 -6.53 -0.77
CA LYS B 208 -14.88 -7.39 -1.71
C LYS B 208 -14.60 -8.88 -1.46
N TRP B 209 -13.65 -9.19 -0.56
CA TRP B 209 -13.34 -10.58 -0.21
C TRP B 209 -13.81 -10.94 1.20
N MET B 210 -14.44 -9.98 1.89
CA MET B 210 -14.62 -10.00 3.34
C MET B 210 -16.03 -10.51 3.68
N ALA B 211 -16.10 -11.35 4.72
CA ALA B 211 -17.36 -11.81 5.28
C ALA B 211 -18.05 -10.63 5.96
N PRO B 212 -19.38 -10.45 5.78
CA PRO B 212 -20.09 -9.30 6.36
C PRO B 212 -19.92 -9.18 7.87
N GLU B 213 -19.87 -10.32 8.59
CA GLU B 213 -19.73 -10.28 10.04
C GLU B 213 -18.38 -9.67 10.43
N ALA B 214 -17.40 -9.69 9.52
CA ALA B 214 -16.09 -9.15 9.85
C ALA B 214 -16.19 -7.64 10.06
N LEU B 215 -17.03 -6.96 9.26
CA LEU B 215 -17.23 -5.53 9.43
C LEU B 215 -18.30 -5.24 10.48
N PHE B 216 -19.48 -5.88 10.37
CA PHE B 216 -20.65 -5.49 11.12
C PHE B 216 -20.55 -5.88 12.59
N ASP B 217 -19.92 -7.03 12.89
CA ASP B 217 -19.84 -7.52 14.24
C ASP B 217 -18.42 -7.38 14.79
N ARG B 218 -17.43 -7.17 13.92
CA ARG B 218 -16.02 -7.07 14.31
C ARG B 218 -15.55 -8.36 15.00
N VAL B 219 -15.85 -9.51 14.38
CA VAL B 219 -15.32 -10.80 14.77
C VAL B 219 -14.63 -11.40 13.55
N TYR B 220 -13.85 -12.47 13.76
CA TYR B 220 -13.29 -13.23 12.66
C TYR B 220 -13.06 -14.68 13.08
N THR B 221 -13.67 -15.61 12.34
CA THR B 221 -13.57 -17.04 12.59
C THR B 221 -13.15 -17.75 11.29
N HIS B 222 -12.94 -19.07 11.38
CA HIS B 222 -12.63 -19.85 10.19
C HIS B 222 -13.77 -19.72 9.18
N GLN B 223 -15.00 -19.51 9.69
CA GLN B 223 -16.15 -19.39 8.81
CA GLN B 223 -16.20 -19.35 8.88
C GLN B 223 -16.08 -18.08 8.03
N SER B 224 -15.39 -17.08 8.58
CA SER B 224 -15.12 -15.86 7.83
C SER B 224 -14.19 -16.16 6.66
N ASP B 225 -13.19 -17.04 6.87
CA ASP B 225 -12.27 -17.37 5.79
C ASP B 225 -12.96 -18.17 4.70
N VAL B 226 -13.97 -18.96 5.07
CA VAL B 226 -14.74 -19.75 4.13
C VAL B 226 -15.45 -18.82 3.14
N TRP B 227 -15.93 -17.68 3.65
CA TRP B 227 -16.61 -16.71 2.80
C TRP B 227 -15.64 -16.23 1.72
N SER B 228 -14.45 -15.80 2.16
CA SER B 228 -13.37 -15.39 1.28
C SER B 228 -13.02 -16.48 0.27
N PHE B 229 -13.04 -17.74 0.72
CA PHE B 229 -12.74 -18.85 -0.16
C PHE B 229 -13.74 -18.93 -1.31
N GLY B 230 -15.02 -18.65 -1.02
CA GLY B 230 -16.03 -18.57 -2.06
C GLY B 230 -15.65 -17.56 -3.16
N VAL B 231 -15.16 -16.38 -2.74
CA VAL B 231 -14.81 -15.31 -3.67
C VAL B 231 -13.62 -15.76 -4.52
N LEU B 232 -12.67 -16.43 -3.86
CA LEU B 232 -11.51 -16.99 -4.52
C LEU B 232 -11.94 -18.01 -5.59
N MET B 233 -12.94 -18.85 -5.28
CA MET B 233 -13.43 -19.85 -6.21
C MET B 233 -13.96 -19.17 -7.47
N TRP B 234 -14.75 -18.10 -7.27
CA TRP B 234 -15.28 -17.29 -8.35
C TRP B 234 -14.14 -16.72 -9.20
N GLU B 235 -13.11 -16.19 -8.55
CA GLU B 235 -11.92 -15.71 -9.24
C GLU B 235 -11.33 -16.83 -10.12
N ILE B 236 -11.30 -18.06 -9.59
CA ILE B 236 -10.64 -19.14 -10.30
C ILE B 236 -11.45 -19.49 -11.55
N PHE B 237 -12.78 -19.60 -11.40
CA PHE B 237 -13.63 -20.05 -12.50
C PHE B 237 -13.87 -18.96 -13.54
N THR B 238 -13.55 -17.69 -13.22
CA THR B 238 -13.59 -16.60 -14.18
C THR B 238 -12.19 -16.34 -14.73
N LEU B 239 -11.23 -17.19 -14.35
CA LEU B 239 -9.85 -17.11 -14.82
C LEU B 239 -9.26 -15.75 -14.46
N GLY B 240 -9.45 -15.33 -13.21
CA GLY B 240 -8.86 -14.12 -12.69
C GLY B 240 -9.78 -12.91 -12.84
N GLY B 241 -11.08 -13.16 -13.02
CA GLY B 241 -12.03 -12.07 -13.04
C GLY B 241 -11.97 -11.25 -11.75
N SER B 242 -12.51 -10.03 -11.83
CA SER B 242 -12.56 -9.10 -10.73
C SER B 242 -13.92 -9.21 -10.06
N PRO B 243 -13.98 -9.49 -8.73
CA PRO B 243 -15.23 -9.75 -8.04
C PRO B 243 -16.17 -8.55 -8.12
N TYR B 244 -17.49 -8.84 -8.16
CA TYR B 244 -18.54 -7.85 -8.19
C TYR B 244 -18.29 -6.82 -9.29
N PRO B 245 -18.17 -7.27 -10.57
CA PRO B 245 -17.63 -6.41 -11.62
C PRO B 245 -18.56 -5.21 -11.81
N GLY B 246 -17.96 -4.01 -11.79
CA GLY B 246 -18.66 -2.76 -11.98
C GLY B 246 -19.50 -2.34 -10.77
N ILE B 247 -19.34 -3.03 -9.63
CA ILE B 247 -19.98 -2.58 -8.41
C ILE B 247 -18.93 -1.94 -7.50
N PRO B 248 -19.14 -0.69 -7.04
CA PRO B 248 -18.18 -0.01 -6.17
C PRO B 248 -18.22 -0.61 -4.77
N VAL B 249 -17.03 -0.68 -4.15
CA VAL B 249 -16.83 -1.12 -2.78
C VAL B 249 -17.82 -0.40 -1.86
N GLU B 250 -17.99 0.90 -2.11
CA GLU B 250 -18.80 1.75 -1.26
C GLU B 250 -20.21 1.19 -1.13
N GLU B 251 -20.69 0.48 -2.17
CA GLU B 251 -22.08 0.06 -2.21
C GLU B 251 -22.25 -1.46 -2.04
N LEU B 252 -21.18 -2.18 -1.63
CA LEU B 252 -21.20 -3.63 -1.62
C LEU B 252 -22.09 -4.20 -0.52
N PHE B 253 -21.94 -3.71 0.71
CA PHE B 253 -22.53 -4.37 1.86
C PHE B 253 -24.06 -4.23 1.88
N LYS B 254 -24.55 -3.12 1.32
CA LYS B 254 -25.97 -2.88 1.14
C LYS B 254 -26.57 -3.96 0.23
N LEU B 255 -25.95 -4.17 -0.93
CA LEU B 255 -26.38 -5.17 -1.91
C LEU B 255 -26.28 -6.59 -1.34
N LEU B 256 -25.26 -6.85 -0.50
CA LEU B 256 -25.09 -8.11 0.18
C LEU B 256 -26.22 -8.34 1.19
N LYS B 257 -26.57 -7.30 1.95
CA LYS B 257 -27.66 -7.39 2.93
C LYS B 257 -28.99 -7.71 2.26
N GLU B 258 -29.17 -7.25 1.01
CA GLU B 258 -30.40 -7.46 0.27
C GLU B 258 -30.40 -8.86 -0.36
N GLY B 259 -29.33 -9.63 -0.12
CA GLY B 259 -29.29 -11.02 -0.51
C GLY B 259 -28.65 -11.26 -1.88
N HIS B 260 -28.17 -10.17 -2.51
CA HIS B 260 -27.48 -10.27 -3.80
C HIS B 260 -26.11 -10.95 -3.64
N ARG B 261 -25.72 -11.68 -4.70
CA ARG B 261 -24.48 -12.44 -4.77
C ARG B 261 -24.05 -12.50 -6.24
N MET B 262 -22.77 -12.75 -6.47
CA MET B 262 -22.25 -12.83 -7.82
C MET B 262 -22.96 -13.95 -8.57
N ASP B 263 -23.00 -13.82 -9.90
CA ASP B 263 -23.62 -14.78 -10.80
C ASP B 263 -22.61 -15.89 -11.12
N LYS B 264 -23.14 -16.99 -11.66
CA LYS B 264 -22.35 -18.15 -12.05
C LYS B 264 -21.36 -17.77 -13.14
N PRO B 265 -20.04 -18.03 -12.95
CA PRO B 265 -19.08 -17.96 -14.06
C PRO B 265 -19.46 -18.88 -15.20
N ALA B 266 -19.09 -18.49 -16.42
CA ALA B 266 -19.42 -19.22 -17.63
C ALA B 266 -18.86 -20.65 -17.58
N ASN B 267 -17.59 -20.77 -17.19
CA ASN B 267 -16.84 -22.01 -17.23
C ASN B 267 -17.27 -22.98 -16.13
N CYS B 268 -18.46 -22.77 -15.55
CA CYS B 268 -18.74 -23.28 -14.23
C CYS B 268 -20.04 -24.08 -14.18
N THR B 269 -19.96 -25.29 -13.59
CA THR B 269 -21.11 -26.18 -13.40
C THR B 269 -21.99 -25.64 -12.27
N ASN B 270 -23.25 -26.06 -12.25
CA ASN B 270 -24.20 -25.55 -11.28
C ASN B 270 -23.82 -26.02 -9.89
N GLU B 271 -23.13 -27.18 -9.85
CA GLU B 271 -22.68 -27.83 -8.63
C GLU B 271 -21.62 -26.98 -7.94
N LEU B 272 -20.63 -26.51 -8.72
CA LEU B 272 -19.55 -25.72 -8.17
C LEU B 272 -20.06 -24.33 -7.80
N TYR B 273 -21.09 -23.85 -8.52
CA TYR B 273 -21.69 -22.56 -8.21
C TYR B 273 -22.43 -22.60 -6.87
N MET B 274 -23.13 -23.71 -6.60
CA MET B 274 -23.88 -23.86 -5.36
C MET B 274 -22.93 -23.93 -4.17
N MET B 275 -21.73 -24.49 -4.38
CA MET B 275 -20.67 -24.49 -3.38
C MET B 275 -20.26 -23.04 -3.06
N MET B 276 -20.00 -22.24 -4.10
CA MET B 276 -19.73 -20.82 -3.96
C MET B 276 -20.82 -20.16 -3.13
N ARG B 277 -22.07 -20.40 -3.53
CA ARG B 277 -23.24 -19.81 -2.90
C ARG B 277 -23.31 -20.21 -1.43
N ASP B 278 -22.94 -21.46 -1.13
CA ASP B 278 -22.94 -21.96 0.24
C ASP B 278 -21.91 -21.23 1.09
N CYS B 279 -20.75 -20.90 0.50
CA CYS B 279 -19.70 -20.19 1.22
C CYS B 279 -20.17 -18.79 1.62
N TRP B 280 -21.14 -18.24 0.85
CA TRP B 280 -21.64 -16.88 1.02
C TRP B 280 -22.98 -16.85 1.77
N HIS B 281 -23.23 -17.84 2.63
CA HIS B 281 -24.36 -17.75 3.53
C HIS B 281 -24.14 -16.57 4.48
N ALA B 282 -25.22 -15.81 4.72
CA ALA B 282 -25.21 -14.71 5.67
C ALA B 282 -24.85 -15.23 7.06
N VAL B 283 -25.46 -16.34 7.47
CA VAL B 283 -25.20 -16.91 8.80
C VAL B 283 -23.90 -17.71 8.73
N PRO B 284 -22.85 -17.34 9.53
CA PRO B 284 -21.54 -18.00 9.44
C PRO B 284 -21.62 -19.52 9.63
N SER B 285 -22.52 -20.00 10.49
CA SER B 285 -22.56 -21.41 10.84
C SER B 285 -23.30 -22.25 9.78
N GLN B 286 -23.87 -21.58 8.77
CA GLN B 286 -24.56 -22.25 7.68
C GLN B 286 -23.62 -22.44 6.49
N ARG B 287 -22.39 -21.92 6.62
CA ARG B 287 -21.36 -22.08 5.60
C ARG B 287 -20.70 -23.44 5.80
N PRO B 288 -20.18 -24.10 4.73
CA PRO B 288 -19.44 -25.35 4.91
C PRO B 288 -18.13 -25.08 5.64
N THR B 289 -17.55 -26.10 6.29
CA THR B 289 -16.20 -26.00 6.81
C THR B 289 -15.22 -26.34 5.70
N PHE B 290 -13.94 -26.02 5.91
CA PHE B 290 -12.92 -26.34 4.92
C PHE B 290 -12.84 -27.85 4.72
N LYS B 291 -13.08 -28.62 5.80
CA LYS B 291 -13.09 -30.07 5.68
C LYS B 291 -14.15 -30.52 4.68
N GLN B 292 -15.36 -29.95 4.77
CA GLN B 292 -16.44 -30.34 3.87
C GLN B 292 -16.16 -29.88 2.44
N LEU B 293 -15.50 -28.72 2.30
CA LEU B 293 -15.16 -28.25 0.97
C LEU B 293 -14.15 -29.20 0.33
N VAL B 294 -13.16 -29.64 1.12
CA VAL B 294 -12.14 -30.58 0.66
C VAL B 294 -12.80 -31.86 0.13
N GLU B 295 -13.76 -32.39 0.88
CA GLU B 295 -14.41 -33.65 0.52
C GLU B 295 -15.27 -33.50 -0.75
N ASP B 296 -16.00 -32.37 -0.85
CA ASP B 296 -16.82 -32.14 -2.03
C ASP B 296 -15.94 -31.98 -3.26
N LEU B 297 -14.84 -31.22 -3.11
CA LEU B 297 -13.93 -30.96 -4.21
C LEU B 297 -13.18 -32.24 -4.62
N ASP B 298 -12.85 -33.08 -3.64
CA ASP B 298 -12.23 -34.36 -3.91
C ASP B 298 -13.15 -35.23 -4.77
N ARG B 299 -14.45 -35.20 -4.47
CA ARG B 299 -15.41 -35.97 -5.24
C ARG B 299 -15.53 -35.43 -6.66
N ILE B 300 -15.65 -34.10 -6.80
CA ILE B 300 -15.84 -33.53 -8.12
C ILE B 300 -14.60 -33.80 -8.97
N LEU B 301 -13.42 -33.71 -8.35
CA LEU B 301 -12.16 -33.87 -9.07
C LEU B 301 -12.01 -35.31 -9.58
N THR B 302 -12.27 -36.29 -8.71
CA THR B 302 -12.22 -37.71 -9.04
C THR B 302 -13.17 -38.07 -10.19
N LEU B 303 -14.43 -37.60 -10.12
CA LEU B 303 -15.42 -37.84 -11.16
C LEU B 303 -14.92 -37.33 -12.52
N THR B 304 -14.36 -36.11 -12.53
CA THR B 304 -13.84 -35.48 -13.74
C THR B 304 -12.71 -36.32 -14.31
N THR B 305 -11.82 -36.78 -13.43
CA THR B 305 -10.70 -37.62 -13.81
C THR B 305 -11.20 -38.88 -14.51
N ASN B 306 -12.27 -39.48 -13.98
CA ASN B 306 -12.75 -40.79 -14.39
C ASN B 306 -13.71 -40.71 -15.58
N GLU B 307 -13.94 -39.51 -16.13
CA GLU B 307 -14.86 -39.33 -17.25
C GLU B 307 -14.20 -39.77 -18.56
#